data_4Q6U
#
_entry.id   4Q6U
#
_cell.length_a   131.620
_cell.length_b   73.020
_cell.length_c   82.470
_cell.angle_alpha   90.00
_cell.angle_beta   90.00
_cell.angle_gamma   90.00
#
_symmetry.space_group_name_H-M   'P 21 21 2'
#
loop_
_entity.id
_entity.type
_entity.pdbx_description
1 polymer 'Uncharacterized protein'
2 non-polymer 'PENTAETHYLENE GLYCOL'
3 water water
#
_entity_poly.entity_id   1
_entity_poly.type   'polypeptide(L)'
_entity_poly.pdbx_seq_one_letter_code
;(MSE)AHHHHHH(MSE)THDWLLVETLGDEPAVVARGRELKKLVPITTFLRRSPYLAAVRTAIAETLQTGQSLTSITPKH
DRVIRTEPVI(MSE)TDGR(MSE)HGVQVWSGPTDAEPPDRPIPGPLKWDLTRGVATDTPESLTNSGKNPEVEITYGRAF
AEDLPARELNPNETQVLA(MSE)AVKAKPGKTLCSIWDLTDWQGTPIRIGFVARSALEPGPNGRDHLVARA(MSE)NWRA
ETKAPAVPVDDLAQRILIGLAQAGVHRALVDLKTWTLLKWLDQPCSFYDWRRSAADGPRLHPDDQHVIDA(MSE)TRDLA
NGSASHVLRLPGHDVDWVPVHVTVNRIELEPDTFAGLVALRLPTDEELADAGLPKATDVTT
;
_entity_poly.pdbx_strand_id   A,B
#
# COMPACT_ATOMS: atom_id res chain seq x y z
N HIS A 3 -32.81 -6.40 38.17
CA HIS A 3 -32.34 -7.65 37.56
C HIS A 3 -32.44 -7.63 36.05
N HIS A 4 -31.53 -6.90 35.40
CA HIS A 4 -31.12 -7.29 34.07
C HIS A 4 -29.99 -8.28 34.31
N HIS A 5 -30.17 -9.51 33.85
CA HIS A 5 -29.11 -10.50 33.96
C HIS A 5 -27.98 -10.14 33.01
N HIS A 6 -26.81 -10.77 33.18
CA HIS A 6 -25.63 -10.42 32.38
C HIS A 6 -25.75 -10.97 30.97
N HIS A 7 -25.45 -10.12 29.99
CA HIS A 7 -25.37 -10.58 28.61
C HIS A 7 -24.24 -11.58 28.47
N HIS A 8 -24.36 -12.50 27.52
CA HIS A 8 -23.33 -13.49 27.27
C HIS A 8 -22.26 -12.93 26.33
N THR A 10 -21.67 -13.99 23.60
CA THR A 10 -22.25 -14.25 22.28
C THR A 10 -23.29 -13.20 21.92
N HIS A 11 -23.47 -12.21 22.79
CA HIS A 11 -24.63 -11.32 22.70
C HIS A 11 -24.75 -10.59 21.37
N ASP A 12 -23.63 -10.34 20.70
CA ASP A 12 -23.72 -9.60 19.46
C ASP A 12 -23.95 -10.50 18.24
N TRP A 13 -24.10 -11.80 18.51
CA TRP A 13 -24.09 -12.91 17.52
C TRP A 13 -22.68 -13.26 17.13
N LEU A 14 -22.31 -14.53 17.30
CA LEU A 14 -21.01 -14.97 16.82
C LEU A 14 -21.22 -15.70 15.51
N LEU A 15 -20.48 -15.29 14.48
CA LEU A 15 -20.44 -16.07 13.24
C LEU A 15 -19.32 -17.11 13.36
N VAL A 16 -19.69 -18.37 13.26
CA VAL A 16 -18.73 -19.44 13.48
C VAL A 16 -18.54 -20.20 12.16
N GLU A 17 -17.30 -20.25 11.68
CA GLU A 17 -16.97 -20.97 10.43
C GLU A 17 -16.79 -22.44 10.80
N THR A 18 -17.49 -23.32 10.10
CA THR A 18 -17.53 -24.71 10.54
C THR A 18 -16.88 -25.70 9.59
N LEU A 19 -15.98 -25.22 8.74
CA LEU A 19 -15.36 -26.09 7.73
C LEU A 19 -14.02 -26.67 8.20
N GLY A 20 -13.50 -26.21 9.32
CA GLY A 20 -12.27 -26.78 9.86
C GLY A 20 -12.52 -27.89 10.86
N ASP A 21 -11.48 -28.32 11.56
CA ASP A 21 -11.59 -29.35 12.59
C ASP A 21 -12.54 -28.99 13.73
N GLU A 22 -12.52 -27.73 14.14
CA GLU A 22 -13.36 -27.25 15.22
C GLU A 22 -14.01 -25.94 14.79
N PRO A 23 -15.28 -25.73 15.14
CA PRO A 23 -15.95 -24.46 14.85
C PRO A 23 -15.10 -23.28 15.34
N ALA A 24 -14.96 -22.27 14.50
CA ALA A 24 -14.05 -21.18 14.82
C ALA A 24 -14.73 -19.85 14.56
N VAL A 25 -14.63 -18.94 15.52
CA VAL A 25 -15.30 -17.68 15.43
C VAL A 25 -14.62 -16.74 14.42
N VAL A 26 -15.40 -16.15 13.51
CA VAL A 26 -14.84 -15.18 12.55
C VAL A 26 -15.49 -13.82 12.63
N ALA A 27 -16.61 -13.73 13.33
CA ALA A 27 -17.21 -12.42 13.58
C ALA A 27 -17.89 -12.38 14.93
N ARG A 28 -17.71 -11.28 15.63
CA ARG A 28 -18.54 -10.94 16.79
C ARG A 28 -19.32 -9.70 16.42
N GLY A 29 -20.63 -9.85 16.23
CA GLY A 29 -21.38 -8.82 15.53
C GLY A 29 -20.82 -8.72 14.12
N ARG A 30 -20.30 -7.56 13.75
CA ARG A 30 -19.66 -7.40 12.43
C ARG A 30 -18.14 -7.29 12.56
N GLU A 31 -17.65 -7.36 13.80
CA GLU A 31 -16.22 -7.26 14.07
C GLU A 31 -15.49 -8.54 13.67
N LEU A 32 -14.45 -8.42 12.86
CA LEU A 32 -13.70 -9.59 12.39
C LEU A 32 -12.92 -10.28 13.51
N LYS A 33 -13.01 -11.60 13.60
CA LYS A 33 -12.14 -12.40 14.47
C LYS A 33 -11.37 -13.39 13.60
N LYS A 34 -10.14 -13.71 14.00
CA LYS A 34 -9.26 -14.49 13.13
C LYS A 34 -9.38 -16.00 13.33
N LEU A 35 -10.53 -16.56 12.97
CA LEU A 35 -10.77 -18.01 13.13
C LEU A 35 -10.37 -18.52 14.51
N VAL A 36 -10.93 -17.91 15.54
CA VAL A 36 -10.60 -18.31 16.92
C VAL A 36 -11.46 -19.50 17.32
N PRO A 37 -10.83 -20.64 17.63
CA PRO A 37 -11.56 -21.84 18.04
C PRO A 37 -12.57 -21.52 19.12
N ILE A 38 -13.78 -22.06 18.98
CA ILE A 38 -14.86 -21.72 19.87
C ILE A 38 -14.51 -22.07 21.32
N THR A 39 -13.66 -23.08 21.53
CA THR A 39 -13.25 -23.44 22.89
C THR A 39 -12.23 -22.45 23.47
N THR A 40 -11.59 -21.69 22.60
CA THR A 40 -10.73 -20.59 23.04
C THR A 40 -11.58 -19.33 23.23
N PHE A 41 -12.42 -19.03 22.25
CA PHE A 41 -13.19 -17.80 22.30
C PHE A 41 -14.11 -17.73 23.51
N LEU A 42 -14.76 -18.85 23.83
CA LEU A 42 -15.69 -18.89 24.95
C LEU A 42 -15.10 -19.68 26.10
N ARG A 43 -13.78 -19.66 26.22
CA ARG A 43 -13.12 -20.30 27.36
C ARG A 43 -13.72 -19.70 28.63
N ARG A 44 -14.13 -20.58 29.53
CA ARG A 44 -14.67 -20.24 30.86
C ARG A 44 -16.12 -19.73 30.83
N SER A 45 -16.78 -19.77 29.69
CA SER A 45 -18.24 -19.54 29.67
C SER A 45 -18.95 -20.79 30.19
N PRO A 46 -19.86 -20.62 31.17
CA PRO A 46 -20.63 -21.78 31.63
C PRO A 46 -21.46 -22.43 30.51
N TYR A 47 -21.83 -21.63 29.51
CA TYR A 47 -22.68 -22.12 28.41
C TYR A 47 -21.90 -22.64 27.20
N LEU A 48 -20.57 -22.73 27.31
CA LEU A 48 -19.76 -23.21 26.19
C LEU A 48 -20.17 -24.59 25.68
N ALA A 49 -20.38 -25.54 26.59
CA ALA A 49 -20.80 -26.89 26.16
C ALA A 49 -22.13 -26.85 25.42
N ALA A 50 -23.06 -26.05 25.93
CA ALA A 50 -24.39 -25.98 25.31
C ALA A 50 -24.33 -25.30 23.94
N VAL A 51 -23.43 -24.35 23.78
CA VAL A 51 -23.28 -23.68 22.49
C VAL A 51 -22.64 -24.62 21.48
N ARG A 52 -21.65 -25.39 21.92
CA ARG A 52 -21.01 -26.37 21.04
C ARG A 52 -22.03 -27.40 20.57
N THR A 53 -22.88 -27.83 21.49
CA THR A 53 -23.93 -28.78 21.15
C THR A 53 -24.91 -28.17 20.14
N ALA A 54 -25.31 -26.93 20.38
CA ALA A 54 -26.22 -26.22 19.47
C ALA A 54 -25.65 -26.11 18.07
N ILE A 55 -24.35 -25.83 17.98
CA ILE A 55 -23.70 -25.74 16.68
C ILE A 55 -23.68 -27.11 15.99
N ALA A 56 -23.41 -28.15 16.76
CA ALA A 56 -23.36 -29.49 16.19
C ALA A 56 -24.72 -29.91 15.65
N GLU A 57 -25.76 -29.56 16.38
CA GLU A 57 -27.14 -29.92 16.02
C GLU A 57 -27.59 -29.16 14.79
N THR A 58 -27.19 -27.91 14.68
CA THR A 58 -27.49 -27.10 13.50
C THR A 58 -26.80 -27.65 12.27
N LEU A 59 -25.55 -28.08 12.44
CA LEU A 59 -24.78 -28.61 11.33
C LEU A 59 -25.46 -29.87 10.80
N GLN A 60 -25.95 -30.68 11.72
CA GLN A 60 -26.52 -31.97 11.36
C GLN A 60 -27.91 -31.82 10.74
N THR A 61 -28.79 -31.04 11.36
CA THR A 61 -30.14 -30.86 10.85
C THR A 61 -30.21 -29.87 9.69
N GLY A 62 -29.23 -28.98 9.61
CA GLY A 62 -29.26 -27.91 8.63
C GLY A 62 -30.32 -26.87 8.92
N GLN A 63 -30.89 -26.92 10.11
CA GLN A 63 -32.01 -26.06 10.45
C GLN A 63 -31.68 -25.06 11.55
N SER A 64 -32.36 -23.91 11.50
CA SER A 64 -32.38 -22.95 12.60
CA SER A 64 -32.35 -22.95 12.60
C SER A 64 -32.82 -23.62 13.88
N LEU A 65 -32.21 -23.26 15.00
CA LEU A 65 -32.60 -23.88 16.26
C LEU A 65 -32.77 -22.87 17.38
N THR A 66 -33.75 -23.11 18.23
CA THR A 66 -33.93 -22.31 19.44
C THR A 66 -34.04 -23.24 20.64
N SER A 67 -33.10 -23.13 21.57
CA SER A 67 -33.18 -23.92 22.79
CA SER A 67 -33.15 -23.92 22.79
C SER A 67 -33.39 -23.01 23.99
N ILE A 68 -34.41 -23.31 24.77
CA ILE A 68 -34.75 -22.55 25.96
C ILE A 68 -34.66 -23.46 27.16
N THR A 69 -33.80 -23.10 28.10
CA THR A 69 -33.54 -23.93 29.27
C THR A 69 -33.68 -23.12 30.54
N PRO A 70 -34.89 -23.11 31.11
CA PRO A 70 -35.17 -22.31 32.32
C PRO A 70 -34.23 -22.65 33.48
N LYS A 71 -33.83 -23.92 33.59
CA LYS A 71 -33.02 -24.38 34.72
C LYS A 71 -31.65 -23.71 34.72
N HIS A 72 -31.21 -23.28 33.55
CA HIS A 72 -29.94 -22.56 33.44
C HIS A 72 -30.14 -21.10 33.05
N ASP A 73 -31.40 -20.65 33.06
CA ASP A 73 -31.73 -19.29 32.63
C ASP A 73 -31.01 -18.98 31.32
N ARG A 74 -31.22 -19.86 30.35
CA ARG A 74 -30.45 -19.76 29.12
C ARG A 74 -31.31 -19.93 27.89
N VAL A 75 -31.07 -19.06 26.91
CA VAL A 75 -31.68 -19.20 25.59
C VAL A 75 -30.53 -19.29 24.61
N ILE A 76 -30.59 -20.24 23.70
CA ILE A 76 -29.60 -20.30 22.63
C ILE A 76 -30.32 -20.32 21.28
N ARG A 77 -29.83 -19.51 20.35
CA ARG A 77 -30.39 -19.41 19.01
C ARG A 77 -29.30 -19.63 18.00
N THR A 78 -29.53 -20.55 17.06
CA THR A 78 -28.60 -20.71 15.97
C THR A 78 -29.27 -20.48 14.61
N GLU A 79 -28.48 -19.98 13.67
CA GLU A 79 -28.92 -19.86 12.27
C GLU A 79 -27.86 -20.50 11.39
N PRO A 80 -28.29 -21.42 10.49
CA PRO A 80 -27.30 -22.01 9.60
C PRO A 80 -26.88 -21.03 8.52
N VAL A 81 -25.64 -21.14 8.07
CA VAL A 81 -25.23 -20.40 6.86
C VAL A 81 -24.96 -21.46 5.80
N ILE A 82 -25.93 -21.71 4.94
CA ILE A 82 -25.83 -22.85 4.05
CA ILE A 82 -25.90 -22.85 4.02
C ILE A 82 -25.73 -22.39 2.59
N THR A 84 -25.81 -22.76 -1.56
CA THR A 84 -26.90 -23.24 -2.38
C THR A 84 -26.71 -24.70 -2.83
N ASP A 85 -25.51 -25.27 -2.64
CA ASP A 85 -25.30 -26.71 -2.90
C ASP A 85 -25.54 -27.57 -1.64
N GLY A 86 -26.07 -26.95 -0.58
CA GLY A 86 -26.45 -27.71 0.60
C GLY A 86 -25.32 -27.85 1.62
N ARG A 87 -24.16 -27.29 1.30
CA ARG A 87 -23.03 -27.34 2.21
C ARG A 87 -23.09 -26.23 3.25
N HIS A 89 -21.45 -23.63 5.47
CA HIS A 89 -20.20 -22.88 5.55
C HIS A 89 -19.97 -22.39 6.99
N GLY A 90 -21.07 -22.22 7.71
CA GLY A 90 -20.97 -21.72 9.07
C GLY A 90 -22.29 -21.73 9.82
N VAL A 91 -22.23 -21.32 11.09
CA VAL A 91 -23.41 -21.22 11.94
C VAL A 91 -23.30 -19.91 12.72
N GLN A 92 -24.39 -19.16 12.81
CA GLN A 92 -24.40 -17.95 13.61
C GLN A 92 -25.14 -18.27 14.93
N VAL A 93 -24.54 -17.92 16.07
CA VAL A 93 -25.13 -18.29 17.35
CA VAL A 93 -25.07 -18.29 17.38
C VAL A 93 -25.26 -17.07 18.28
N TRP A 94 -26.40 -17.02 18.95
CA TRP A 94 -26.64 -16.04 20.01
C TRP A 94 -27.02 -16.80 21.26
N SER A 95 -26.62 -16.31 22.43
CA SER A 95 -27.15 -16.92 23.64
C SER A 95 -27.30 -15.82 24.68
N GLY A 96 -28.20 -16.01 25.63
CA GLY A 96 -28.38 -15.01 26.65
C GLY A 96 -29.31 -15.52 27.73
N PRO A 97 -29.42 -14.76 28.82
CA PRO A 97 -30.44 -15.08 29.82
C PRO A 97 -31.82 -14.88 29.22
N THR A 98 -32.84 -15.40 29.90
CA THR A 98 -34.19 -15.34 29.37
C THR A 98 -34.71 -13.90 29.26
N ASP A 99 -34.17 -13.00 30.08
CA ASP A 99 -34.64 -11.61 30.05
C ASP A 99 -33.89 -10.74 29.05
N ALA A 100 -33.06 -11.34 28.20
CA ALA A 100 -32.30 -10.59 27.21
C ALA A 100 -32.95 -10.75 25.83
N GLU A 101 -32.75 -9.76 24.96
CA GLU A 101 -33.24 -9.86 23.59
C GLU A 101 -32.06 -9.79 22.65
N PRO A 102 -32.00 -10.72 21.69
CA PRO A 102 -30.93 -10.63 20.69
C PRO A 102 -31.04 -9.37 19.84
N PRO A 103 -29.90 -8.74 19.54
CA PRO A 103 -29.89 -7.61 18.62
C PRO A 103 -30.11 -8.09 17.19
N ASP A 104 -30.22 -7.14 16.25
CA ASP A 104 -30.29 -7.47 14.82
C ASP A 104 -29.16 -8.42 14.44
N ARG A 105 -29.48 -9.45 13.67
CA ARG A 105 -28.49 -10.43 13.27
C ARG A 105 -27.80 -10.00 11.99
N PRO A 106 -26.48 -9.81 12.01
CA PRO A 106 -25.79 -9.49 10.75
C PRO A 106 -25.91 -10.65 9.75
N ILE A 107 -26.37 -10.39 8.54
CA ILE A 107 -26.63 -11.46 7.57
C ILE A 107 -25.36 -11.85 6.80
N PRO A 108 -24.90 -13.10 6.97
CA PRO A 108 -23.69 -13.58 6.30
C PRO A 108 -23.99 -14.02 4.88
N GLY A 109 -23.02 -13.89 3.96
CA GLY A 109 -23.23 -14.27 2.56
C GLY A 109 -22.25 -15.34 2.13
N PRO A 110 -22.73 -16.57 1.98
CA PRO A 110 -21.83 -17.65 1.59
C PRO A 110 -21.52 -17.55 0.10
N LEU A 111 -20.33 -17.96 -0.30
CA LEU A 111 -19.98 -18.04 -1.71
C LEU A 111 -18.87 -19.08 -1.84
N LYS A 112 -18.60 -19.50 -3.06
CA LYS A 112 -17.50 -20.41 -3.29
C LYS A 112 -16.80 -20.11 -4.62
N TRP A 113 -15.51 -20.41 -4.65
CA TRP A 113 -14.71 -20.34 -5.88
C TRP A 113 -14.22 -21.72 -6.20
N ASP A 114 -14.61 -22.26 -7.34
CA ASP A 114 -14.05 -23.51 -7.79
C ASP A 114 -12.77 -23.14 -8.53
N LEU A 115 -11.64 -23.39 -7.90
CA LEU A 115 -10.35 -22.97 -8.44
C LEU A 115 -9.93 -23.85 -9.61
N THR A 116 -10.37 -25.10 -9.60
CA THR A 116 -10.11 -25.98 -10.73
C THR A 116 -10.81 -25.47 -11.99
N ARG A 117 -12.05 -25.04 -11.86
CA ARG A 117 -12.82 -24.53 -13.01
C ARG A 117 -12.56 -23.07 -13.32
N GLY A 118 -12.11 -22.31 -12.32
CA GLY A 118 -11.98 -20.87 -12.47
C GLY A 118 -13.35 -20.21 -12.48
N VAL A 119 -14.28 -20.79 -11.75
CA VAL A 119 -15.64 -20.28 -11.73
C VAL A 119 -16.17 -20.11 -10.31
N ALA A 120 -16.83 -18.98 -10.06
CA ALA A 120 -17.36 -18.65 -8.75
C ALA A 120 -18.87 -18.82 -8.76
N THR A 121 -19.39 -19.18 -7.59
CA THR A 121 -20.82 -19.21 -7.34
C THR A 121 -21.08 -18.31 -6.13
N ASP A 122 -21.89 -17.27 -6.30
CA ASP A 122 -22.26 -16.40 -5.20
C ASP A 122 -23.70 -16.64 -4.78
N THR A 123 -24.15 -15.89 -3.77
CA THR A 123 -25.55 -15.92 -3.33
C THR A 123 -26.06 -14.49 -3.39
N PRO A 124 -27.38 -14.29 -3.37
CA PRO A 124 -27.86 -12.90 -3.28
C PRO A 124 -27.32 -12.22 -2.03
N GLU A 125 -27.14 -13.00 -0.97
CA GLU A 125 -26.57 -12.47 0.26
C GLU A 125 -25.12 -11.99 0.08
N SER A 126 -24.27 -12.80 -0.53
CA SER A 126 -22.86 -12.38 -0.68
C SER A 126 -22.77 -11.20 -1.64
N LEU A 127 -23.59 -11.21 -2.71
CA LEU A 127 -23.61 -10.10 -3.66
C LEU A 127 -24.05 -8.79 -3.01
N THR A 128 -25.14 -8.86 -2.24
CA THR A 128 -25.66 -7.70 -1.55
C THR A 128 -24.64 -7.14 -0.55
N ASN A 129 -24.02 -8.02 0.22
CA ASN A 129 -23.02 -7.58 1.18
C ASN A 129 -21.87 -6.84 0.52
N SER A 130 -21.42 -7.35 -0.62
CA SER A 130 -20.29 -6.73 -1.34
C SER A 130 -20.74 -5.62 -2.29
N GLY A 131 -21.98 -5.19 -2.16
CA GLY A 131 -22.45 -4.00 -2.87
C GLY A 131 -22.80 -4.19 -4.35
N LYS A 132 -23.00 -5.43 -4.78
CA LYS A 132 -23.42 -5.69 -6.16
CA LYS A 132 -23.42 -5.71 -6.16
C LYS A 132 -24.95 -5.68 -6.23
N ASN A 133 -25.48 -5.50 -7.43
CA ASN A 133 -26.93 -5.47 -7.60
C ASN A 133 -27.51 -6.82 -8.01
N PRO A 134 -28.17 -7.52 -7.06
CA PRO A 134 -28.59 -8.91 -7.22
C PRO A 134 -29.70 -9.13 -8.24
N GLU A 135 -30.27 -8.05 -8.78
CA GLU A 135 -31.29 -8.16 -9.81
C GLU A 135 -30.67 -8.18 -11.19
N VAL A 136 -29.38 -7.88 -11.26
CA VAL A 136 -28.66 -7.79 -12.53
C VAL A 136 -27.45 -8.73 -12.54
N GLU A 137 -27.02 -9.12 -11.34
CA GLU A 137 -25.94 -10.08 -11.23
C GLU A 137 -26.50 -11.47 -11.39
N ILE A 138 -25.73 -12.34 -12.01
CA ILE A 138 -26.08 -13.75 -12.07
C ILE A 138 -25.23 -14.50 -11.01
N THR A 139 -25.87 -15.36 -10.21
CA THR A 139 -25.17 -15.98 -9.07
C THR A 139 -24.19 -17.08 -9.48
N TYR A 140 -24.46 -17.75 -10.60
CA TYR A 140 -23.69 -18.90 -11.08
C TYR A 140 -22.78 -18.54 -12.25
N GLY A 141 -21.75 -19.36 -12.46
CA GLY A 141 -20.90 -19.25 -13.63
C GLY A 141 -20.06 -17.98 -13.69
N ARG A 142 -19.74 -17.43 -12.52
CA ARG A 142 -19.09 -16.12 -12.45
C ARG A 142 -17.58 -16.23 -12.64
N ALA A 143 -17.00 -15.24 -13.32
CA ALA A 143 -15.56 -15.14 -13.37
C ALA A 143 -15.08 -14.53 -12.07
N PHE A 144 -13.86 -14.87 -11.65
CA PHE A 144 -13.37 -14.35 -10.37
C PHE A 144 -13.29 -12.84 -10.43
N ALA A 145 -13.09 -12.27 -11.61
CA ALA A 145 -13.03 -10.81 -11.78
C ALA A 145 -14.39 -10.14 -11.54
N GLU A 146 -15.47 -10.91 -11.53
CA GLU A 146 -16.77 -10.35 -11.15
C GLU A 146 -16.92 -10.25 -9.63
N ASP A 147 -16.06 -10.96 -8.90
CA ASP A 147 -16.17 -10.99 -7.46
C ASP A 147 -15.15 -10.06 -6.79
N LEU A 148 -13.94 -10.04 -7.32
CA LEU A 148 -12.94 -9.08 -6.83
C LEU A 148 -13.33 -7.68 -7.29
N PRO A 149 -13.12 -6.66 -6.44
CA PRO A 149 -13.41 -5.29 -6.84
C PRO A 149 -12.59 -4.89 -8.08
N ALA A 150 -13.16 -4.02 -8.89
CA ALA A 150 -12.43 -3.39 -9.99
C ALA A 150 -11.62 -2.23 -9.45
N ARG A 151 -10.37 -2.15 -9.89
CA ARG A 151 -9.41 -1.09 -9.59
C ARG A 151 -8.96 -0.99 -8.15
N GLU A 152 -9.93 -0.90 -7.23
CA GLU A 152 -9.63 -0.85 -5.80
C GLU A 152 -8.84 -2.07 -5.33
N LEU A 153 -7.80 -1.84 -4.54
CA LEU A 153 -6.96 -2.93 -4.01
C LEU A 153 -7.15 -3.11 -2.51
N ASN A 154 -6.95 -4.32 -2.02
CA ASN A 154 -7.19 -4.61 -0.61
C ASN A 154 -6.14 -5.52 0.05
N PRO A 155 -6.09 -5.55 1.39
CA PRO A 155 -5.03 -6.35 2.02
C PRO A 155 -5.17 -7.85 1.78
N ASN A 156 -4.02 -8.47 1.53
CA ASN A 156 -3.89 -9.89 1.19
C ASN A 156 -4.63 -10.29 -0.08
N GLU A 157 -4.97 -9.32 -0.92
CA GLU A 157 -5.57 -9.65 -2.21
C GLU A 157 -4.54 -10.42 -3.07
N THR A 158 -3.25 -10.15 -2.84
CA THR A 158 -2.18 -10.90 -3.49
C THR A 158 -2.33 -12.41 -3.24
N GLN A 159 -2.66 -12.77 -2.01
CA GLN A 159 -2.86 -14.18 -1.62
C GLN A 159 -4.11 -14.78 -2.23
N VAL A 160 -5.16 -13.98 -2.36
CA VAL A 160 -6.36 -14.44 -3.05
C VAL A 160 -6.01 -14.72 -4.51
N LEU A 161 -5.27 -13.82 -5.14
CA LEU A 161 -4.90 -14.05 -6.55
C LEU A 161 -3.98 -15.26 -6.69
N ALA A 162 -3.06 -15.44 -5.73
CA ALA A 162 -2.13 -16.58 -5.79
C ALA A 162 -2.90 -17.90 -5.71
N ALA A 164 -5.91 -18.43 -6.82
CA ALA A 164 -6.53 -18.68 -8.13
C ALA A 164 -5.54 -19.25 -9.15
N VAL A 165 -4.31 -18.75 -9.20
CA VAL A 165 -3.37 -19.16 -10.26
C VAL A 165 -2.60 -20.42 -9.89
N LYS A 166 -2.43 -20.65 -8.59
CA LYS A 166 -1.71 -21.84 -8.14
C LYS A 166 -2.44 -22.37 -6.92
N ALA A 167 -3.59 -22.97 -7.16
CA ALA A 167 -4.46 -23.37 -6.07
C ALA A 167 -3.86 -24.44 -5.19
N LYS A 168 -4.07 -24.26 -3.89
CA LYS A 168 -3.63 -25.24 -2.90
C LYS A 168 -4.71 -25.38 -1.84
N PRO A 169 -4.86 -26.59 -1.30
CA PRO A 169 -5.84 -26.81 -0.23
C PRO A 169 -5.26 -26.43 1.13
N GLY A 170 -6.14 -26.25 2.12
CA GLY A 170 -5.70 -26.09 3.50
C GLY A 170 -5.25 -24.68 3.87
N LYS A 171 -5.62 -23.69 3.06
CA LYS A 171 -5.29 -22.30 3.35
C LYS A 171 -6.52 -21.54 3.82
N THR A 172 -6.35 -20.62 4.77
CA THR A 172 -7.45 -19.78 5.21
C THR A 172 -7.06 -18.31 5.03
N LEU A 173 -8.06 -17.45 4.87
CA LEU A 173 -7.84 -16.00 4.91
C LEU A 173 -9.02 -15.31 5.58
N CYS A 174 -8.74 -14.46 6.57
CA CYS A 174 -9.75 -13.63 7.23
C CYS A 174 -9.37 -12.18 7.01
N SER A 175 -10.29 -11.34 6.51
CA SER A 175 -9.92 -9.94 6.29
C SER A 175 -11.10 -8.99 6.29
N ILE A 176 -10.80 -7.70 6.40
CA ILE A 176 -11.76 -6.63 6.20
CA ILE A 176 -11.78 -6.65 6.18
C ILE A 176 -11.35 -5.85 4.98
N TRP A 177 -12.24 -5.72 4.00
CA TRP A 177 -11.90 -5.04 2.75
C TRP A 177 -12.73 -3.77 2.54
N ASP A 178 -12.14 -2.78 1.88
CA ASP A 178 -12.84 -1.54 1.53
C ASP A 178 -13.24 -1.62 0.06
N LEU A 179 -14.52 -1.38 -0.20
CA LEU A 179 -15.09 -1.47 -1.55
C LEU A 179 -15.99 -0.28 -1.79
N THR A 180 -16.51 -0.21 -3.01
CA THR A 180 -17.60 0.71 -3.30
CA THR A 180 -17.52 0.73 -3.41
C THR A 180 -18.71 -0.07 -3.94
N ASP A 181 -19.96 0.26 -3.56
CA ASP A 181 -21.05 -0.50 -4.15
C ASP A 181 -21.25 0.00 -5.60
N TRP A 182 -22.19 -0.63 -6.30
CA TRP A 182 -22.34 -0.37 -7.73
C TRP A 182 -22.82 1.05 -8.02
N GLN A 183 -23.29 1.75 -6.99
CA GLN A 183 -23.76 3.12 -7.14
C GLN A 183 -22.75 4.15 -6.64
N GLY A 184 -21.55 3.70 -6.30
CA GLY A 184 -20.51 4.62 -5.86
C GLY A 184 -20.39 4.79 -4.34
N THR A 185 -21.21 4.11 -3.56
CA THR A 185 -21.21 4.30 -2.11
C THR A 185 -20.14 3.42 -1.44
N PRO A 186 -19.27 4.03 -0.61
CA PRO A 186 -18.26 3.21 0.06
C PRO A 186 -18.88 2.25 1.08
N ILE A 187 -18.38 1.02 1.04
CA ILE A 187 -18.78 0.02 2.03
C ILE A 187 -17.53 -0.72 2.50
N ARG A 188 -17.69 -1.45 3.59
CA ARG A 188 -16.66 -2.38 4.01
C ARG A 188 -17.27 -3.74 4.21
N ILE A 189 -16.52 -4.79 3.88
CA ILE A 189 -16.97 -6.16 4.21
C ILE A 189 -15.90 -6.93 4.98
N GLY A 190 -16.35 -7.86 5.81
CA GLY A 190 -15.46 -8.86 6.35
C GLY A 190 -15.69 -10.15 5.61
N PHE A 191 -14.70 -11.03 5.59
CA PHE A 191 -14.92 -12.38 5.06
C PHE A 191 -13.93 -13.37 5.65
N VAL A 192 -14.33 -14.64 5.62
CA VAL A 192 -13.42 -15.73 5.85
C VAL A 192 -13.49 -16.61 4.62
N ALA A 193 -12.37 -17.22 4.23
CA ALA A 193 -12.29 -18.17 3.12
C ALA A 193 -11.37 -19.32 3.49
N ARG A 194 -11.68 -20.51 2.98
CA ARG A 194 -10.91 -21.70 3.28
C ARG A 194 -10.88 -22.57 2.04
N SER A 195 -9.69 -22.98 1.62
CA SER A 195 -9.62 -23.86 0.45
C SER A 195 -9.55 -25.32 0.86
N ALA A 196 -10.08 -26.20 0.00
CA ALA A 196 -10.08 -27.63 0.29
C ALA A 196 -10.30 -28.42 -0.99
N LEU A 197 -10.00 -29.71 -0.90
CA LEU A 197 -10.31 -30.66 -1.97
C LEU A 197 -11.70 -31.23 -1.80
N GLU A 198 -12.46 -31.32 -2.90
CA GLU A 198 -13.82 -31.85 -2.85
C GLU A 198 -14.02 -32.82 -4.02
N PRO A 199 -15.04 -33.70 -3.96
CA PRO A 199 -15.22 -34.61 -5.10
C PRO A 199 -15.47 -33.84 -6.40
N GLY A 200 -14.95 -34.35 -7.50
CA GLY A 200 -15.14 -33.69 -8.78
C GLY A 200 -16.10 -34.53 -9.62
N PRO A 201 -16.58 -33.97 -10.73
CA PRO A 201 -17.58 -34.69 -11.52
C PRO A 201 -17.00 -35.83 -12.36
N ASN A 202 -15.72 -35.76 -12.70
CA ASN A 202 -15.13 -36.75 -13.60
C ASN A 202 -13.99 -37.56 -13.00
N GLY A 203 -14.17 -38.03 -11.76
CA GLY A 203 -13.19 -38.89 -11.12
C GLY A 203 -12.05 -38.20 -10.38
N ARG A 204 -11.84 -36.91 -10.60
CA ARG A 204 -10.73 -36.19 -9.98
C ARG A 204 -11.23 -35.07 -9.07
N ASP A 205 -10.58 -34.89 -7.91
CA ASP A 205 -10.94 -33.81 -7.00
C ASP A 205 -10.85 -32.44 -7.65
N HIS A 206 -11.74 -31.53 -7.25
CA HIS A 206 -11.58 -30.11 -7.56
C HIS A 206 -11.06 -29.41 -6.31
N LEU A 207 -10.36 -28.31 -6.54
CA LEU A 207 -9.91 -27.41 -5.49
C LEU A 207 -10.94 -26.33 -5.33
N VAL A 208 -11.52 -26.21 -4.14
CA VAL A 208 -12.66 -25.31 -3.94
C VAL A 208 -12.40 -24.45 -2.72
N ALA A 209 -12.62 -23.14 -2.84
CA ALA A 209 -12.53 -22.25 -1.67
C ALA A 209 -13.94 -21.84 -1.28
N ARG A 210 -14.31 -22.09 -0.02
CA ARG A 210 -15.63 -21.75 0.47
C ARG A 210 -15.49 -20.60 1.44
N ALA A 211 -16.41 -19.65 1.36
CA ALA A 211 -16.27 -18.41 2.09
C ALA A 211 -17.60 -17.89 2.61
N ASN A 213 -19.08 -13.80 3.57
CA ASN A 213 -18.82 -12.39 3.87
C ASN A 213 -19.94 -11.81 4.72
N TRP A 214 -19.75 -10.56 5.13
CA TRP A 214 -20.75 -9.78 5.87
C TRP A 214 -20.38 -8.33 5.72
N ARG A 215 -21.39 -7.47 5.80
CA ARG A 215 -21.16 -6.02 5.76
C ARG A 215 -20.49 -5.64 7.07
N ALA A 216 -19.36 -4.96 6.99
CA ALA A 216 -18.63 -4.53 8.17
C ALA A 216 -19.01 -3.12 8.57
N GLU A 217 -18.60 -2.73 9.77
CA GLU A 217 -18.82 -1.38 10.25
C GLU A 217 -18.08 -0.36 9.40
N THR A 218 -18.73 0.77 9.14
CA THR A 218 -18.08 1.86 8.44
C THR A 218 -16.95 2.41 9.32
N LYS A 219 -15.78 2.61 8.72
CA LYS A 219 -14.64 3.16 9.45
C LYS A 219 -13.75 3.99 8.53
N VAL A 225 -5.18 5.75 3.29
CA VAL A 225 -4.29 4.69 2.82
C VAL A 225 -2.97 5.29 2.35
N ASP A 226 -1.92 4.49 2.40
CA ASP A 226 -0.59 4.89 1.95
C ASP A 226 -0.15 3.90 0.87
N ASP A 227 -0.18 4.33 -0.40
CA ASP A 227 0.12 3.44 -1.51
C ASP A 227 0.57 4.25 -2.75
N LEU A 228 1.86 4.57 -2.79
CA LEU A 228 2.44 5.28 -3.91
C LEU A 228 2.28 4.48 -5.20
N ALA A 229 2.59 3.19 -5.14
CA ALA A 229 2.51 2.34 -6.34
C ALA A 229 1.11 2.35 -6.96
N GLN A 230 0.09 2.34 -6.11
CA GLN A 230 -1.30 2.36 -6.57
CA GLN A 230 -1.28 2.34 -6.63
C GLN A 230 -1.57 3.64 -7.35
N ARG A 231 -1.06 4.75 -6.82
CA ARG A 231 -1.26 6.02 -7.49
C ARG A 231 -0.58 6.04 -8.85
N ILE A 232 0.59 5.42 -8.95
CA ILE A 232 1.31 5.36 -10.21
C ILE A 232 0.56 4.46 -11.18
N LEU A 233 0.06 3.35 -10.66
CA LEU A 233 -0.69 2.39 -11.47
C LEU A 233 -1.93 3.06 -12.05
N ILE A 234 -2.59 3.88 -11.24
CA ILE A 234 -3.78 4.59 -11.69
C ILE A 234 -3.43 5.63 -12.76
N GLY A 235 -2.33 6.36 -12.56
CA GLY A 235 -1.89 7.31 -13.57
C GLY A 235 -1.53 6.67 -14.90
N LEU A 236 -1.31 5.36 -14.92
CA LEU A 236 -0.97 4.66 -16.16
C LEU A 236 -2.22 4.24 -16.95
N ALA A 237 -3.40 4.61 -16.44
CA ALA A 237 -4.64 4.28 -17.12
C ALA A 237 -4.72 5.04 -18.43
N GLN A 238 -5.30 4.42 -19.45
CA GLN A 238 -5.35 5.04 -20.79
C GLN A 238 -6.75 4.86 -21.34
N ALA A 239 -7.33 5.92 -21.89
CA ALA A 239 -8.68 5.85 -22.46
C ALA A 239 -8.75 4.75 -23.50
N GLY A 240 -9.80 3.95 -23.46
CA GLY A 240 -9.97 2.89 -24.43
C GLY A 240 -9.17 1.63 -24.15
N VAL A 241 -8.36 1.67 -23.09
CA VAL A 241 -7.52 0.55 -22.72
C VAL A 241 -8.00 0.05 -21.36
N HIS A 242 -8.22 -1.26 -21.26
CA HIS A 242 -8.75 -1.85 -20.02
C HIS A 242 -7.79 -2.90 -19.51
N ARG A 243 -7.23 -2.68 -18.32
CA ARG A 243 -6.23 -3.58 -17.77
C ARG A 243 -6.82 -4.57 -16.79
N ALA A 244 -6.29 -5.79 -16.84
CA ALA A 244 -6.78 -6.88 -16.00
C ALA A 244 -5.66 -7.85 -15.66
N LEU A 245 -5.80 -8.56 -14.54
CA LEU A 245 -4.92 -9.66 -14.23
C LEU A 245 -5.56 -10.93 -14.74
N VAL A 246 -4.77 -11.79 -15.38
CA VAL A 246 -5.26 -13.07 -15.87
C VAL A 246 -4.41 -14.23 -15.38
N ASP A 247 -5.03 -15.40 -15.33
CA ASP A 247 -4.33 -16.65 -15.17
C ASP A 247 -3.69 -16.98 -16.52
N LEU A 248 -2.36 -17.03 -16.57
CA LEU A 248 -1.65 -17.23 -17.85
C LEU A 248 -1.89 -18.60 -18.44
N LYS A 249 -2.03 -19.58 -17.57
CA LYS A 249 -2.22 -20.96 -18.01
C LYS A 249 -3.57 -21.12 -18.72
N THR A 250 -4.63 -20.53 -18.16
CA THR A 250 -5.98 -20.77 -18.66
C THR A 250 -6.67 -19.55 -19.27
N TRP A 251 -6.00 -18.40 -19.25
CA TRP A 251 -6.55 -17.12 -19.72
C TRP A 251 -7.87 -16.74 -19.01
N THR A 252 -7.99 -17.18 -17.78
CA THR A 252 -9.10 -16.81 -16.92
C THR A 252 -8.91 -15.37 -16.40
N LEU A 253 -9.97 -14.56 -16.42
CA LEU A 253 -9.91 -13.18 -15.92
C LEU A 253 -10.05 -13.12 -14.41
N LEU A 254 -9.02 -12.66 -13.74
CA LEU A 254 -8.99 -12.67 -12.27
C LEU A 254 -9.39 -11.34 -11.62
N LYS A 255 -8.97 -10.23 -12.20
CA LYS A 255 -9.23 -8.93 -11.60
C LYS A 255 -9.10 -7.80 -12.59
N TRP A 256 -10.08 -6.90 -12.59
CA TRP A 256 -10.00 -5.70 -13.40
C TRP A 256 -9.25 -4.61 -12.65
N LEU A 257 -8.31 -3.95 -13.33
CA LEU A 257 -7.57 -2.85 -12.72
C LEU A 257 -8.15 -1.51 -13.14
N ASP A 258 -8.87 -1.53 -14.26
CA ASP A 258 -9.66 -0.41 -14.71
C ASP A 258 -11.09 -0.92 -14.72
N GLN A 259 -12.01 -0.12 -15.24
CA GLN A 259 -13.37 -0.62 -15.38
C GLN A 259 -13.37 -1.66 -16.49
N PRO A 260 -14.24 -2.68 -16.38
CA PRO A 260 -14.26 -3.73 -17.40
C PRO A 260 -14.67 -3.20 -18.77
N CYS A 261 -14.26 -3.89 -19.82
CA CYS A 261 -14.60 -3.44 -21.17
C CYS A 261 -15.85 -4.12 -21.70
N SER A 262 -16.46 -3.52 -22.71
CA SER A 262 -17.70 -4.02 -23.26
C SER A 262 -17.52 -4.74 -24.59
N PHE A 263 -16.40 -4.50 -25.27
CA PHE A 263 -16.29 -4.94 -26.65
C PHE A 263 -16.05 -6.43 -26.81
N TYR A 264 -15.97 -7.17 -25.71
CA TYR A 264 -16.02 -8.64 -25.82
C TYR A 264 -16.53 -9.28 -24.54
N ASP A 265 -16.88 -10.57 -24.62
CA ASP A 265 -17.52 -11.29 -23.53
C ASP A 265 -16.52 -11.95 -22.60
N TRP A 266 -15.91 -11.13 -21.76
CA TRP A 266 -14.85 -11.59 -20.87
C TRP A 266 -15.35 -12.52 -19.77
N ARG A 267 -16.65 -12.46 -19.53
CA ARG A 267 -17.27 -13.27 -18.47
C ARG A 267 -17.37 -14.74 -18.85
N ARG A 268 -17.01 -15.06 -20.09
CA ARG A 268 -17.16 -16.42 -20.62
C ARG A 268 -16.28 -17.45 -19.90
N SER A 269 -16.91 -18.54 -19.47
CA SER A 269 -16.20 -19.65 -18.85
C SER A 269 -15.78 -20.67 -19.89
N ALA A 270 -14.89 -21.58 -19.52
CA ALA A 270 -14.44 -22.64 -20.41
C ALA A 270 -15.44 -23.80 -20.50
N ALA A 271 -16.71 -23.53 -20.21
CA ALA A 271 -17.72 -24.59 -20.19
C ALA A 271 -18.35 -24.96 -21.55
N ASP A 272 -18.80 -24.02 -22.39
CA ASP A 272 -18.76 -22.57 -22.19
C ASP A 272 -19.95 -22.07 -21.37
N SER A 295 7.41 -8.23 -21.61
CA SER A 295 6.30 -7.61 -22.34
C SER A 295 6.15 -8.23 -23.72
N ALA A 296 4.92 -8.64 -24.05
CA ALA A 296 4.62 -9.26 -25.34
C ALA A 296 3.25 -8.81 -25.86
N SER A 297 3.12 -8.68 -27.17
CA SER A 297 1.91 -8.10 -27.75
C SER A 297 1.38 -8.93 -28.92
N HIS A 298 0.05 -8.94 -29.08
CA HIS A 298 -0.55 -9.60 -30.23
C HIS A 298 -2.05 -9.32 -30.31
N VAL A 299 -2.61 -9.51 -31.50
CA VAL A 299 -4.04 -9.42 -31.66
C VAL A 299 -4.59 -10.84 -31.48
N LEU A 300 -5.41 -11.00 -30.45
CA LEU A 300 -5.97 -12.30 -30.11
C LEU A 300 -7.48 -12.29 -30.32
N ARG A 301 -8.02 -13.38 -30.84
CA ARG A 301 -9.46 -13.50 -30.99
C ARG A 301 -10.07 -13.98 -29.67
N LEU A 302 -10.96 -13.17 -29.10
CA LEU A 302 -11.64 -13.49 -27.84
C LEU A 302 -13.16 -13.58 -28.07
N PRO A 303 -13.87 -14.29 -27.17
CA PRO A 303 -15.31 -14.49 -27.39
C PRO A 303 -16.11 -13.20 -27.50
N GLY A 304 -17.02 -13.15 -28.48
CA GLY A 304 -17.83 -11.96 -28.69
C GLY A 304 -19.20 -12.06 -28.07
N HIS A 305 -19.91 -10.94 -28.01
CA HIS A 305 -21.27 -10.90 -27.50
C HIS A 305 -22.25 -11.26 -28.61
N ASP A 306 -22.21 -10.48 -29.68
CA ASP A 306 -23.11 -10.69 -30.81
C ASP A 306 -22.57 -11.75 -31.76
N VAL A 307 -21.25 -11.86 -31.86
CA VAL A 307 -20.62 -12.84 -32.75
C VAL A 307 -19.71 -13.80 -31.98
N ASP A 308 -19.26 -14.84 -32.68
CA ASP A 308 -18.41 -15.88 -32.10
C ASP A 308 -17.08 -15.37 -31.57
N TRP A 309 -16.32 -14.70 -32.42
CA TRP A 309 -15.01 -14.17 -32.04
C TRP A 309 -14.89 -12.71 -32.47
N VAL A 310 -14.18 -11.96 -31.64
CA VAL A 310 -13.83 -10.57 -31.89
C VAL A 310 -12.34 -10.42 -31.68
N PRO A 311 -11.65 -9.72 -32.62
CA PRO A 311 -10.22 -9.42 -32.46
C PRO A 311 -9.94 -8.40 -31.35
N VAL A 312 -8.98 -8.71 -30.50
CA VAL A 312 -8.60 -7.80 -29.43
C VAL A 312 -7.09 -7.63 -29.35
N HIS A 313 -6.62 -6.38 -29.32
CA HIS A 313 -5.20 -6.16 -29.14
C HIS A 313 -4.82 -6.32 -27.67
N VAL A 314 -3.83 -7.17 -27.41
CA VAL A 314 -3.42 -7.53 -26.07
C VAL A 314 -1.94 -7.28 -25.83
N THR A 315 -1.63 -6.65 -24.70
CA THR A 315 -0.26 -6.49 -24.26
C THR A 315 -0.09 -7.20 -22.93
N VAL A 316 0.85 -8.12 -22.84
CA VAL A 316 0.99 -8.95 -21.64
C VAL A 316 2.34 -8.77 -20.95
N ASN A 317 2.29 -8.62 -19.62
CA ASN A 317 3.47 -8.61 -18.76
C ASN A 317 3.32 -9.64 -17.67
N ARG A 318 4.43 -10.26 -17.27
CA ARG A 318 4.37 -11.22 -16.20
C ARG A 318 4.50 -10.52 -14.84
N ILE A 319 3.60 -10.85 -13.92
CA ILE A 319 3.58 -10.32 -12.56
C ILE A 319 3.92 -11.43 -11.57
N GLU A 320 4.86 -11.18 -10.67
CA GLU A 320 5.18 -12.16 -9.64
C GLU A 320 4.41 -11.85 -8.36
N LEU A 321 3.46 -12.71 -8.00
CA LEU A 321 2.59 -12.47 -6.85
C LEU A 321 3.23 -12.97 -5.56
N GLU A 322 3.82 -14.16 -5.65
CA GLU A 322 4.58 -14.79 -4.58
C GLU A 322 5.74 -15.47 -5.29
N PRO A 323 6.75 -15.96 -4.54
CA PRO A 323 7.83 -16.68 -5.23
C PRO A 323 7.33 -17.83 -6.10
N ASP A 324 7.75 -17.84 -7.36
CA ASP A 324 7.38 -18.88 -8.33
C ASP A 324 5.86 -18.91 -8.58
N THR A 325 5.19 -17.81 -8.27
CA THR A 325 3.75 -17.71 -8.48
C THR A 325 3.43 -16.50 -9.36
N PHE A 326 3.03 -16.77 -10.59
CA PHE A 326 2.87 -15.70 -11.56
C PHE A 326 1.46 -15.55 -12.09
N ALA A 327 1.07 -14.32 -12.35
CA ALA A 327 -0.12 -13.99 -13.12
C ALA A 327 0.30 -13.11 -14.29
N GLY A 328 -0.61 -12.92 -15.23
CA GLY A 328 -0.35 -12.01 -16.33
C GLY A 328 -1.11 -10.72 -16.15
N LEU A 329 -0.44 -9.61 -16.39
CA LEU A 329 -1.11 -8.34 -16.53
C LEU A 329 -1.44 -8.12 -18.00
N VAL A 330 -2.72 -8.01 -18.36
CA VAL A 330 -3.06 -7.75 -19.77
C VAL A 330 -3.70 -6.39 -19.96
N ALA A 331 -3.26 -5.68 -21.00
CA ALA A 331 -3.89 -4.43 -21.41
C ALA A 331 -4.71 -4.75 -22.65
N LEU A 332 -6.02 -4.51 -22.57
CA LEU A 332 -6.94 -4.89 -23.64
C LEU A 332 -7.49 -3.66 -24.32
N ARG A 333 -7.40 -3.63 -25.65
CA ARG A 333 -8.00 -2.56 -26.42
C ARG A 333 -8.39 -3.02 -27.82
N LEU A 334 -9.24 -2.24 -28.48
CA LEU A 334 -9.60 -2.53 -29.87
C LEU A 334 -8.35 -2.48 -30.75
N PRO A 335 -8.22 -3.40 -31.70
CA PRO A 335 -7.06 -3.31 -32.60
C PRO A 335 -7.30 -2.30 -33.73
N THR A 336 -6.22 -1.75 -34.29
CA THR A 336 -6.34 -0.88 -35.46
C THR A 336 -6.43 -1.72 -36.73
N ASP A 337 -6.88 -1.11 -37.83
CA ASP A 337 -6.97 -1.83 -39.10
C ASP A 337 -5.60 -2.36 -39.49
N GLU A 338 -4.58 -1.55 -39.25
CA GLU A 338 -3.20 -1.93 -39.53
C GLU A 338 -2.80 -3.14 -38.69
N GLU A 339 -3.14 -3.11 -37.40
CA GLU A 339 -2.84 -4.22 -36.51
C GLU A 339 -3.58 -5.49 -36.94
N LEU A 340 -4.82 -5.33 -37.38
CA LEU A 340 -5.60 -6.46 -37.89
C LEU A 340 -4.89 -7.11 -39.08
N ALA A 341 -4.57 -6.29 -40.08
CA ALA A 341 -3.89 -6.76 -41.29
C ALA A 341 -2.57 -7.44 -40.94
N ASP A 342 -1.81 -6.82 -40.05
CA ASP A 342 -0.54 -7.38 -39.56
C ASP A 342 -0.74 -8.77 -38.96
N ALA A 343 -1.80 -8.93 -38.17
CA ALA A 343 -2.06 -10.22 -37.55
C ALA A 343 -2.57 -11.26 -38.56
N GLY A 344 -2.78 -10.83 -39.81
CA GLY A 344 -3.27 -11.73 -40.83
C GLY A 344 -4.73 -12.08 -40.62
N LEU A 345 -5.42 -11.22 -39.88
CA LEU A 345 -6.83 -11.40 -39.59
C LEU A 345 -7.69 -10.52 -40.47
N PRO A 346 -8.77 -11.09 -41.02
CA PRO A 346 -9.74 -10.34 -41.81
C PRO A 346 -10.58 -9.40 -40.95
N LYS A 347 -11.11 -8.35 -41.56
CA LYS A 347 -12.02 -7.47 -40.86
C LYS A 347 -13.34 -8.20 -40.56
N THR B 10 14.90 6.86 31.12
CA THR B 10 15.15 8.26 30.80
C THR B 10 16.65 8.50 30.61
N HIS B 11 17.41 7.43 30.42
CA HIS B 11 18.86 7.54 30.30
C HIS B 11 19.29 7.80 28.86
N ASP B 12 18.35 7.69 27.93
CA ASP B 12 18.66 7.82 26.51
C ASP B 12 18.85 9.28 26.10
N TRP B 13 19.53 9.48 24.97
CA TRP B 13 19.60 10.78 24.33
C TRP B 13 18.26 11.09 23.68
N LEU B 14 17.76 12.30 23.89
CA LEU B 14 16.56 12.75 23.19
C LEU B 14 16.93 13.60 21.98
N LEU B 15 16.46 13.24 20.79
CA LEU B 15 16.66 14.10 19.64
C LEU B 15 15.47 15.03 19.49
N VAL B 16 15.74 16.34 19.56
CA VAL B 16 14.71 17.35 19.51
C VAL B 16 14.83 18.19 18.24
N GLU B 17 13.76 18.22 17.45
CA GLU B 17 13.69 19.08 16.27
C GLU B 17 13.29 20.47 16.74
N THR B 18 14.05 21.48 16.32
CA THR B 18 13.89 22.84 16.84
C THR B 18 13.58 23.86 15.75
N LEU B 19 12.87 23.45 14.70
CA LEU B 19 12.54 24.38 13.63
C LEU B 19 11.10 24.90 13.74
N GLY B 20 10.34 24.32 14.67
CA GLY B 20 8.99 24.79 14.93
C GLY B 20 8.96 25.86 16.01
N ASP B 21 7.75 26.25 16.44
CA ASP B 21 7.61 27.25 17.48
C ASP B 21 8.04 26.68 18.83
N GLU B 22 7.74 25.41 19.04
CA GLU B 22 8.18 24.71 20.25
C GLU B 22 9.02 23.49 19.88
N PRO B 23 10.19 23.36 20.52
CA PRO B 23 11.05 22.17 20.38
C PRO B 23 10.25 20.87 20.54
N ALA B 24 10.47 19.92 19.64
CA ALA B 24 9.65 18.72 19.61
C ALA B 24 10.49 17.45 19.42
N VAL B 25 10.26 16.47 20.29
CA VAL B 25 11.02 15.23 20.27
C VAL B 25 10.71 14.40 19.02
N VAL B 26 11.75 13.86 18.39
CA VAL B 26 11.58 12.98 17.24
C VAL B 26 12.30 11.66 17.45
N ALA B 27 13.19 11.60 18.44
CA ALA B 27 13.86 10.35 18.78
C ALA B 27 14.16 10.21 20.27
N ARG B 28 13.81 9.06 20.84
CA ARG B 28 14.33 8.66 22.15
C ARG B 28 15.33 7.55 21.90
N GLY B 29 16.62 7.86 22.02
CA GLY B 29 17.63 6.95 21.53
C GLY B 29 17.45 6.89 20.02
N ARG B 30 17.04 5.74 19.49
CA ARG B 30 16.83 5.62 18.05
C ARG B 30 15.37 5.38 17.68
N GLU B 31 14.53 5.23 18.71
CA GLU B 31 13.11 4.98 18.51
C GLU B 31 12.43 6.28 18.10
N LEU B 32 11.68 6.23 17.00
CA LEU B 32 10.99 7.42 16.48
C LEU B 32 9.88 7.93 17.38
N LYS B 33 9.81 9.25 17.54
CA LYS B 33 8.67 9.91 18.18
C LYS B 33 8.10 10.97 17.21
N LYS B 34 6.78 11.12 17.20
CA LYS B 34 6.11 11.96 16.20
C LYS B 34 6.03 13.45 16.58
N LEU B 35 7.16 14.14 16.50
CA LEU B 35 7.26 15.57 16.78
C LEU B 35 6.46 16.00 18.00
N VAL B 36 6.65 15.29 19.11
CA VAL B 36 5.95 15.58 20.35
C VAL B 36 6.57 16.78 21.07
N PRO B 37 5.80 17.87 21.21
CA PRO B 37 6.28 19.08 21.89
C PRO B 37 6.86 18.72 23.25
N ILE B 38 8.04 19.27 23.54
CA ILE B 38 8.81 18.90 24.71
C ILE B 38 7.98 19.04 25.99
N THR B 39 7.01 19.94 25.99
CA THR B 39 6.17 20.16 27.17
C THR B 39 5.11 19.05 27.33
N THR B 40 4.82 18.37 26.22
CA THR B 40 3.93 17.23 26.23
C THR B 40 4.72 15.97 26.56
N PHE B 41 5.85 15.82 25.90
CA PHE B 41 6.72 14.66 26.10
C PHE B 41 7.23 14.61 27.53
N LEU B 42 7.45 15.79 28.11
CA LEU B 42 7.97 15.87 29.48
C LEU B 42 6.99 16.57 30.43
N ARG B 43 5.69 16.42 30.15
CA ARG B 43 4.64 17.02 30.99
C ARG B 43 4.83 16.66 32.44
N ARG B 44 5.01 15.37 32.70
CA ARG B 44 5.27 14.90 34.05
C ARG B 44 6.76 14.76 34.30
N SER B 45 7.49 15.87 34.15
CA SER B 45 8.90 15.89 34.48
C SER B 45 9.27 17.10 35.32
N PRO B 46 10.03 16.88 36.40
CA PRO B 46 10.52 17.92 37.31
C PRO B 46 11.70 18.67 36.73
N TYR B 47 12.22 18.16 35.62
CA TYR B 47 13.36 18.76 34.96
C TYR B 47 12.93 19.49 33.69
N LEU B 48 11.63 19.53 33.44
CA LEU B 48 11.09 20.13 32.22
C LEU B 48 11.57 21.55 32.03
N ALA B 49 11.37 22.39 33.05
CA ALA B 49 11.76 23.79 32.98
C ALA B 49 13.25 23.96 32.62
N ALA B 50 14.10 23.19 33.30
CA ALA B 50 15.54 23.30 33.09
C ALA B 50 15.95 22.77 31.72
N VAL B 51 15.28 21.70 31.28
CA VAL B 51 15.54 21.13 29.96
C VAL B 51 15.23 22.16 28.88
N ARG B 52 14.10 22.85 29.03
CA ARG B 52 13.73 23.88 28.08
C ARG B 52 14.81 24.96 27.99
N THR B 53 15.41 25.27 29.14
CA THR B 53 16.43 26.30 29.22
C THR B 53 17.73 25.86 28.53
N ALA B 54 18.11 24.61 28.74
CA ALA B 54 19.30 24.04 28.13
C ALA B 54 19.22 24.08 26.60
N ILE B 55 18.05 23.68 26.07
CA ILE B 55 17.84 23.66 24.63
C ILE B 55 17.86 25.09 24.09
N ALA B 56 17.16 25.99 24.78
CA ALA B 56 17.04 27.37 24.36
C ALA B 56 18.40 28.04 24.25
N GLU B 57 19.27 27.77 25.22
CA GLU B 57 20.64 28.31 25.22
C GLU B 57 21.48 27.72 24.09
N THR B 58 21.29 26.43 23.82
CA THR B 58 22.03 25.75 22.75
C THR B 58 21.68 26.38 21.41
N LEU B 59 20.41 26.76 21.26
CA LEU B 59 19.99 27.46 20.05
C LEU B 59 20.67 28.82 19.96
N GLN B 60 20.73 29.52 21.10
CA GLN B 60 21.36 30.83 21.21
C GLN B 60 22.83 30.84 20.82
N THR B 61 23.57 29.90 21.40
CA THR B 61 25.02 29.90 21.38
C THR B 61 25.63 29.08 20.27
N GLY B 62 24.84 28.16 19.71
CA GLY B 62 25.34 27.24 18.70
C GLY B 62 26.35 26.27 19.25
N GLN B 63 26.40 26.16 20.57
CA GLN B 63 27.43 25.41 21.26
C GLN B 63 26.90 24.16 21.97
N SER B 64 27.77 23.16 22.13
CA SER B 64 27.52 22.07 23.04
C SER B 64 27.56 22.63 24.46
N LEU B 65 26.57 22.30 25.27
CA LEU B 65 26.51 22.84 26.62
C LEU B 65 26.46 21.75 27.68
N THR B 66 26.97 22.08 28.86
CA THR B 66 26.81 21.23 30.04
C THR B 66 26.18 22.08 31.13
N SER B 67 24.93 21.81 31.47
CA SER B 67 24.21 22.63 32.43
C SER B 67 23.99 21.82 33.71
N ILE B 68 24.08 22.48 34.85
CA ILE B 68 23.93 21.78 36.12
C ILE B 68 22.73 22.32 36.90
N THR B 69 21.96 21.41 37.49
CA THR B 69 20.93 21.80 38.44
C THR B 69 21.27 21.20 39.80
N PRO B 70 21.93 21.99 40.66
CA PRO B 70 22.38 21.55 41.97
C PRO B 70 21.25 20.95 42.83
N LYS B 71 20.06 21.53 42.72
CA LYS B 71 18.93 21.13 43.55
C LYS B 71 18.61 19.65 43.40
N HIS B 72 18.71 19.13 42.18
CA HIS B 72 18.38 17.74 41.91
C HIS B 72 19.61 16.89 41.58
N ASP B 73 20.79 17.47 41.76
CA ASP B 73 22.06 16.80 41.49
C ASP B 73 22.08 16.18 40.08
N ARG B 74 21.56 16.93 39.12
CA ARG B 74 21.48 16.45 37.75
C ARG B 74 22.28 17.37 36.83
N VAL B 75 22.73 16.80 35.71
CA VAL B 75 23.39 17.56 34.65
C VAL B 75 22.63 17.35 33.35
N ILE B 76 22.46 18.43 32.60
CA ILE B 76 21.81 18.37 31.29
C ILE B 76 22.88 18.59 30.23
N ARG B 77 22.94 17.71 29.25
CA ARG B 77 23.93 17.88 28.21
C ARG B 77 23.26 18.02 26.86
N THR B 78 23.68 19.02 26.10
CA THR B 78 23.08 19.27 24.81
C THR B 78 24.13 19.31 23.69
N GLU B 79 23.74 18.77 22.55
CA GLU B 79 24.57 18.71 21.35
C GLU B 79 23.78 19.31 20.20
N PRO B 80 24.27 20.42 19.65
CA PRO B 80 23.61 21.04 18.49
C PRO B 80 23.68 20.13 17.27
N VAL B 81 22.64 20.16 16.43
CA VAL B 81 22.72 19.53 15.13
C VAL B 81 22.67 20.63 14.09
N ILE B 82 23.83 20.94 13.51
CA ILE B 82 23.95 22.12 12.68
C ILE B 82 24.28 21.75 11.25
N THR B 84 25.39 22.29 7.31
CA THR B 84 26.62 22.94 6.87
C THR B 84 26.43 24.35 6.33
N ASP B 85 25.19 24.83 6.26
CA ASP B 85 24.96 26.24 5.97
C ASP B 85 24.88 27.07 7.25
N GLY B 86 25.16 26.45 8.39
CA GLY B 86 25.16 27.13 9.68
C GLY B 86 23.84 27.08 10.43
N ARG B 87 22.82 26.49 9.81
CA ARG B 87 21.48 26.45 10.38
C ARG B 87 21.29 25.30 11.37
N HIS B 89 19.32 22.54 12.97
CA HIS B 89 18.17 21.71 12.64
C HIS B 89 17.56 21.09 13.89
N GLY B 90 18.39 20.89 14.90
CA GLY B 90 17.93 20.28 16.12
C GLY B 90 18.97 20.28 17.22
N VAL B 91 18.57 19.72 18.35
CA VAL B 91 19.43 19.60 19.52
C VAL B 91 19.25 18.20 20.10
N GLN B 92 20.34 17.54 20.45
CA GLN B 92 20.25 16.24 21.11
C GLN B 92 20.49 16.47 22.59
N VAL B 93 19.64 15.89 23.44
CA VAL B 93 19.66 16.20 24.88
C VAL B 93 19.73 14.94 25.75
N TRP B 94 20.53 15.00 26.81
CA TRP B 94 20.62 13.91 27.77
C TRP B 94 20.63 14.48 29.18
N SER B 95 19.88 13.87 30.09
CA SER B 95 19.87 14.28 31.50
C SER B 95 20.15 13.10 32.41
N GLY B 96 20.57 13.39 33.63
CA GLY B 96 20.79 12.34 34.61
C GLY B 96 21.69 12.82 35.72
N PRO B 97 22.00 11.93 36.68
CA PRO B 97 22.87 12.23 37.82
C PRO B 97 24.20 12.84 37.37
N THR B 98 24.84 13.59 38.25
CA THR B 98 25.99 14.42 37.90
C THR B 98 27.19 13.63 37.39
N ASP B 99 27.70 12.72 38.21
CA ASP B 99 28.90 11.96 37.88
C ASP B 99 28.59 10.77 36.97
N ALA B 100 27.36 10.69 36.48
CA ALA B 100 26.97 9.61 35.59
C ALA B 100 27.54 9.83 34.20
N GLU B 101 27.82 8.75 33.50
CA GLU B 101 28.33 8.83 32.14
C GLU B 101 27.22 8.52 31.14
N PRO B 102 26.96 9.45 30.21
CA PRO B 102 25.91 9.30 29.19
C PRO B 102 26.20 8.13 28.25
N PRO B 103 25.15 7.54 27.67
CA PRO B 103 25.29 6.43 26.72
C PRO B 103 25.90 6.91 25.41
N ASP B 104 26.33 5.98 24.57
CA ASP B 104 26.79 6.33 23.22
C ASP B 104 25.71 7.17 22.54
N ARG B 105 26.13 8.21 21.83
CA ARG B 105 25.19 9.13 21.22
C ARG B 105 24.94 8.75 19.77
N PRO B 106 23.66 8.49 19.42
CA PRO B 106 23.34 8.21 18.02
C PRO B 106 23.64 9.45 17.18
N ILE B 107 24.36 9.29 16.07
CA ILE B 107 24.73 10.46 15.28
C ILE B 107 23.59 10.88 14.35
N PRO B 108 23.03 12.07 14.58
CA PRO B 108 21.99 12.60 13.70
C PRO B 108 22.61 13.18 12.45
N GLY B 109 21.88 13.14 11.34
CA GLY B 109 22.40 13.60 10.06
C GLY B 109 21.48 14.64 9.45
N PRO B 110 21.90 15.90 9.49
CA PRO B 110 21.13 17.02 8.92
C PRO B 110 21.27 17.02 7.41
N LEU B 111 20.18 17.35 6.73
CA LEU B 111 20.20 17.56 5.29
C LEU B 111 19.09 18.53 4.91
N LYS B 112 19.10 18.98 3.67
CA LYS B 112 18.02 19.83 3.20
C LYS B 112 17.75 19.59 1.73
N TRP B 113 16.50 19.82 1.36
CA TRP B 113 16.09 19.82 -0.04
C TRP B 113 15.65 21.23 -0.36
N ASP B 114 16.33 21.88 -1.31
CA ASP B 114 15.84 23.15 -1.82
C ASP B 114 14.83 22.84 -2.92
N LEU B 115 13.54 23.03 -2.62
CA LEU B 115 12.48 22.68 -3.55
C LEU B 115 12.39 23.66 -4.72
N THR B 116 12.85 24.88 -4.49
CA THR B 116 12.84 25.88 -5.55
C THR B 116 13.94 25.57 -6.57
N ARG B 117 15.12 25.19 -6.09
CA ARG B 117 16.21 24.79 -6.97
C ARG B 117 16.02 23.38 -7.51
N GLY B 118 15.35 22.54 -6.73
CA GLY B 118 15.27 21.14 -7.05
C GLY B 118 16.56 20.41 -6.73
N VAL B 119 17.24 20.85 -5.65
CA VAL B 119 18.56 20.32 -5.34
C VAL B 119 18.71 20.00 -3.85
N ALA B 120 19.33 18.87 -3.55
CA ALA B 120 19.56 18.44 -2.17
C ALA B 120 20.99 18.71 -1.73
N THR B 121 21.15 19.00 -0.44
CA THR B 121 22.46 19.13 0.17
C THR B 121 22.47 18.18 1.36
N ASP B 122 23.33 17.18 1.32
CA ASP B 122 23.44 16.25 2.45
C ASP B 122 24.69 16.53 3.26
N THR B 123 24.96 15.66 4.22
CA THR B 123 26.18 15.72 5.05
C THR B 123 26.80 14.32 5.08
N PRO B 124 28.09 14.22 5.45
CA PRO B 124 28.67 12.90 5.72
C PRO B 124 27.82 12.07 6.68
N GLU B 125 27.31 12.73 7.71
CA GLU B 125 26.46 12.09 8.71
C GLU B 125 25.16 11.57 8.08
N SER B 126 24.48 12.40 7.30
CA SER B 126 23.18 11.99 6.73
C SER B 126 23.38 10.86 5.70
N LEU B 127 24.51 10.91 5.01
CA LEU B 127 24.85 9.90 4.01
C LEU B 127 25.21 8.58 4.68
N THR B 128 26.02 8.65 5.74
CA THR B 128 26.40 7.45 6.49
C THR B 128 25.18 6.78 7.09
N ASN B 129 24.33 7.57 7.75
CA ASN B 129 23.10 7.05 8.34
C ASN B 129 22.25 6.30 7.29
N SER B 130 22.18 6.85 6.08
CA SER B 130 21.36 6.22 5.05
C SER B 130 22.15 5.10 4.36
N GLY B 131 23.31 4.76 4.91
CA GLY B 131 24.03 3.57 4.49
C GLY B 131 24.91 3.74 3.27
N LYS B 132 25.15 4.97 2.86
CA LYS B 132 26.00 5.21 1.69
C LYS B 132 27.45 5.41 2.11
N ASN B 133 28.37 5.25 1.16
CA ASN B 133 29.80 5.32 1.44
C ASN B 133 30.33 6.74 1.29
N PRO B 134 30.52 7.44 2.43
CA PRO B 134 30.83 8.87 2.44
C PRO B 134 32.13 9.20 1.70
N GLU B 135 33.03 8.22 1.63
CA GLU B 135 34.29 8.39 0.91
C GLU B 135 34.06 8.54 -0.59
N VAL B 136 32.96 8.00 -1.09
CA VAL B 136 32.68 8.03 -2.52
C VAL B 136 31.41 8.82 -2.85
N GLU B 137 30.86 9.53 -1.86
CA GLU B 137 29.66 10.32 -2.09
C GLU B 137 29.94 11.82 -2.16
N ILE B 138 29.18 12.50 -3.01
CA ILE B 138 29.19 13.96 -3.08
C ILE B 138 28.07 14.52 -2.23
N THR B 139 28.39 15.48 -1.36
CA THR B 139 27.40 16.01 -0.43
C THR B 139 26.47 17.07 -1.04
N TYR B 140 26.97 17.84 -2.00
CA TYR B 140 26.22 18.96 -2.57
C TYR B 140 25.77 18.70 -4.01
N GLY B 141 24.79 19.48 -4.46
CA GLY B 141 24.31 19.39 -5.83
C GLY B 141 23.64 18.07 -6.16
N ARG B 142 23.04 17.44 -5.16
CA ARG B 142 22.42 16.12 -5.32
C ARG B 142 21.02 16.22 -5.89
N ALA B 143 20.69 15.32 -6.81
CA ALA B 143 19.30 15.17 -7.23
C ALA B 143 18.52 14.54 -6.09
N PHE B 144 17.25 14.90 -5.97
CA PHE B 144 16.37 14.26 -4.98
C PHE B 144 16.42 12.74 -5.16
N ALA B 145 16.54 12.29 -6.41
CA ALA B 145 16.53 10.85 -6.67
C ALA B 145 17.81 10.14 -6.15
N GLU B 146 18.79 10.92 -5.68
CA GLU B 146 19.99 10.32 -5.07
C GLU B 146 19.79 10.10 -3.56
N ASP B 147 18.78 10.75 -2.99
CA ASP B 147 18.47 10.60 -1.57
C ASP B 147 17.35 9.59 -1.35
N LEU B 148 16.50 9.40 -2.35
CA LEU B 148 15.45 8.39 -2.28
C LEU B 148 15.97 7.10 -2.89
N PRO B 149 15.54 5.94 -2.38
CA PRO B 149 16.01 4.71 -3.00
C PRO B 149 15.51 4.61 -4.44
N ALA B 150 16.21 3.83 -5.26
CA ALA B 150 15.67 3.45 -6.56
C ALA B 150 14.75 2.25 -6.32
N ARG B 151 13.64 2.22 -7.06
CA ARG B 151 12.73 1.06 -7.10
C ARG B 151 11.94 0.85 -5.80
N GLU B 152 12.65 0.64 -4.68
CA GLU B 152 11.98 0.36 -3.40
C GLU B 152 11.18 1.54 -2.87
N LEU B 153 10.01 1.25 -2.32
CA LEU B 153 9.09 2.28 -1.80
C LEU B 153 9.03 2.24 -0.28
N ASN B 154 8.77 3.39 0.34
CA ASN B 154 8.70 3.44 1.80
C ASN B 154 7.45 4.17 2.27
N PRO B 155 7.10 4.00 3.57
CA PRO B 155 5.91 4.66 4.13
C PRO B 155 5.92 6.17 3.93
N ASN B 156 4.78 6.69 3.50
CA ASN B 156 4.61 8.13 3.30
C ASN B 156 5.55 8.74 2.27
N GLU B 157 6.11 7.93 1.39
CA GLU B 157 6.95 8.46 0.32
C GLU B 157 6.11 9.36 -0.61
N THR B 158 4.82 9.07 -0.71
CA THR B 158 3.90 9.91 -1.48
C THR B 158 3.94 11.36 -0.97
N GLN B 159 3.97 11.51 0.36
CA GLN B 159 4.00 12.82 0.98
C GLN B 159 5.32 13.52 0.76
N VAL B 160 6.40 12.74 0.66
CA VAL B 160 7.71 13.33 0.38
C VAL B 160 7.70 13.92 -1.02
N LEU B 161 7.22 13.14 -1.98
CA LEU B 161 7.15 13.60 -3.36
C LEU B 161 6.19 14.77 -3.48
N ALA B 162 5.07 14.70 -2.77
CA ALA B 162 4.10 15.77 -2.76
C ALA B 162 4.73 17.05 -2.23
N ALA B 164 7.66 17.91 -2.45
CA ALA B 164 8.63 18.42 -3.41
C ALA B 164 8.06 19.13 -4.66
N VAL B 165 6.90 18.70 -5.17
CA VAL B 165 6.43 19.22 -6.46
C VAL B 165 5.52 20.44 -6.34
N LYS B 166 4.75 20.48 -5.27
CA LYS B 166 3.85 21.57 -5.01
C LYS B 166 4.20 22.04 -3.63
N ALA B 167 5.12 23.00 -3.59
CA ALA B 167 5.73 23.43 -2.35
C ALA B 167 4.81 24.33 -1.52
N LYS B 168 4.49 23.83 -0.33
CA LYS B 168 3.70 24.59 0.62
C LYS B 168 4.37 24.46 1.97
N PRO B 169 4.69 25.59 2.60
CA PRO B 169 5.33 25.58 3.91
C PRO B 169 4.42 25.01 5.00
N GLY B 170 4.99 24.64 6.13
CA GLY B 170 4.21 24.13 7.25
C GLY B 170 4.19 22.61 7.36
N LYS B 171 4.20 21.93 6.22
CA LYS B 171 4.12 20.46 6.19
C LYS B 171 5.31 19.79 6.86
N THR B 172 5.04 18.90 7.81
CA THR B 172 6.09 18.14 8.47
C THR B 172 5.91 16.63 8.28
N LEU B 173 7.01 15.90 8.35
CA LEU B 173 6.96 14.45 8.21
C LEU B 173 7.96 13.73 9.13
N CYS B 174 7.48 12.74 9.87
CA CYS B 174 8.34 11.84 10.65
C CYS B 174 8.08 10.40 10.21
N SER B 175 9.12 9.66 9.86
CA SER B 175 8.94 8.27 9.46
C SER B 175 10.16 7.41 9.75
N ILE B 176 9.96 6.10 9.72
CA ILE B 176 11.04 5.12 9.71
C ILE B 176 11.07 4.43 8.34
N TRP B 177 12.22 4.39 7.69
CA TRP B 177 12.32 3.81 6.35
C TRP B 177 13.27 2.62 6.28
N ASP B 178 12.95 1.67 5.40
CA ASP B 178 13.83 0.55 5.10
C ASP B 178 14.77 0.85 3.93
N LEU B 179 16.07 0.63 4.14
CA LEU B 179 17.06 0.86 3.08
C LEU B 179 18.04 -0.31 2.98
N THR B 180 18.93 -0.25 2.01
CA THR B 180 20.03 -1.21 1.94
C THR B 180 21.35 -0.44 1.79
N ASP B 181 22.31 -0.71 2.66
CA ASP B 181 23.57 0.03 2.60
C ASP B 181 24.40 -0.42 1.40
N TRP B 182 25.59 0.15 1.25
CA TRP B 182 26.41 -0.10 0.07
C TRP B 182 27.07 -1.47 0.09
N GLN B 183 27.06 -2.12 1.25
CA GLN B 183 27.57 -3.47 1.38
C GLN B 183 26.49 -4.51 1.10
N GLY B 184 25.26 -4.05 0.94
CA GLY B 184 24.14 -4.95 0.63
C GLY B 184 23.27 -5.29 1.81
N THR B 185 23.61 -4.75 2.99
CA THR B 185 22.91 -5.02 4.24
C THR B 185 21.62 -4.23 4.39
N PRO B 186 20.51 -4.92 4.75
CA PRO B 186 19.28 -4.26 5.17
C PRO B 186 19.49 -3.36 6.38
N ILE B 187 19.06 -2.10 6.29
CA ILE B 187 19.16 -1.17 7.39
C ILE B 187 17.85 -0.42 7.52
N ARG B 188 17.71 0.37 8.60
CA ARG B 188 16.56 1.24 8.74
C ARG B 188 17.01 2.61 9.22
N ILE B 189 16.28 3.65 8.80
CA ILE B 189 16.53 5.00 9.30
C ILE B 189 15.26 5.66 9.82
N GLY B 190 15.41 6.52 10.81
CA GLY B 190 14.36 7.46 11.14
C GLY B 190 14.69 8.78 10.49
N PHE B 191 13.68 9.60 10.25
CA PHE B 191 13.93 10.99 9.88
C PHE B 191 12.76 11.90 10.21
N VAL B 192 13.06 13.19 10.32
CA VAL B 192 12.03 14.22 10.43
C VAL B 192 12.31 15.22 9.33
N ALA B 193 11.26 15.81 8.74
CA ALA B 193 11.44 16.81 7.70
C ALA B 193 10.38 17.89 7.81
N ARG B 194 10.77 19.14 7.55
CA ARG B 194 9.86 20.27 7.66
C ARG B 194 10.13 21.29 6.56
N SER B 195 9.08 21.67 5.84
CA SER B 195 9.21 22.67 4.78
C SER B 195 8.89 24.08 5.29
N ALA B 196 9.64 25.07 4.82
CA ALA B 196 9.38 26.46 5.15
C ALA B 196 9.95 27.40 4.09
N LEU B 197 9.40 28.60 4.00
CA LEU B 197 9.93 29.61 3.11
C LEU B 197 11.12 30.32 3.74
N GLU B 198 12.23 30.38 3.00
CA GLU B 198 13.42 31.08 3.46
C GLU B 198 13.83 32.13 2.42
N PRO B 199 14.40 33.25 2.87
CA PRO B 199 14.82 34.31 1.92
C PRO B 199 15.83 33.81 0.91
N GLY B 200 15.62 34.14 -0.36
CA GLY B 200 16.53 33.77 -1.41
C GLY B 200 17.33 34.95 -1.94
N PRO B 201 18.11 34.73 -3.01
CA PRO B 201 19.07 35.69 -3.55
C PRO B 201 18.44 36.96 -4.13
N ASN B 202 17.40 36.80 -4.96
CA ASN B 202 16.86 37.93 -5.70
C ASN B 202 15.66 38.59 -5.02
N GLY B 203 15.60 38.50 -3.69
CA GLY B 203 14.47 39.01 -2.95
C GLY B 203 13.29 38.08 -3.06
N ARG B 204 13.49 36.97 -3.77
CA ARG B 204 12.48 35.95 -3.92
C ARG B 204 12.77 34.80 -2.95
N ASP B 205 11.75 34.41 -2.19
CA ASP B 205 11.94 33.38 -1.17
C ASP B 205 11.98 31.98 -1.80
N HIS B 206 12.84 31.12 -1.26
CA HIS B 206 12.87 29.71 -1.64
C HIS B 206 12.03 28.89 -0.68
N LEU B 207 11.42 27.82 -1.20
CA LEU B 207 10.81 26.80 -0.36
C LEU B 207 11.86 25.72 -0.10
N VAL B 208 12.10 25.44 1.18
CA VAL B 208 13.17 24.53 1.57
C VAL B 208 12.67 23.56 2.62
N ALA B 209 12.95 22.27 2.42
CA ALA B 209 12.66 21.27 3.43
C ALA B 209 13.94 20.93 4.19
N ARG B 210 13.92 21.12 5.51
CA ARG B 210 15.08 20.79 6.34
C ARG B 210 14.80 19.54 7.14
N ALA B 211 15.80 18.68 7.27
CA ALA B 211 15.59 17.35 7.85
C ALA B 211 16.74 16.88 8.75
N ASN B 213 18.18 12.81 9.72
CA ASN B 213 17.98 11.38 9.87
C ASN B 213 18.85 10.79 10.98
N TRP B 214 18.65 9.50 11.22
CA TRP B 214 19.48 8.72 12.13
C TRP B 214 19.27 7.25 11.78
N ARG B 215 20.27 6.42 12.07
CA ARG B 215 20.14 4.99 11.83
C ARG B 215 19.24 4.41 12.93
N ALA B 216 18.17 3.72 12.52
CA ALA B 216 17.22 3.16 13.49
C ALA B 216 17.61 1.73 13.85
N GLU B 217 16.91 1.15 14.82
CA GLU B 217 17.21 -0.21 15.23
C GLU B 217 16.71 -1.16 14.17
N THR B 218 17.27 -2.37 14.11
CA THR B 218 16.79 -3.36 13.16
C THR B 218 15.54 -4.03 13.70
N LYS B 219 14.44 -3.95 12.95
CA LYS B 219 13.19 -4.55 13.38
C LYS B 219 12.57 -5.40 12.27
N ALA B 220 13.00 -5.17 11.03
CA ALA B 220 12.43 -5.88 9.89
C ALA B 220 12.78 -7.37 9.92
N VAL B 225 5.40 -8.13 4.01
CA VAL B 225 4.87 -6.94 3.33
C VAL B 225 3.80 -7.32 2.32
N ASP B 226 2.87 -6.40 2.08
CA ASP B 226 1.69 -6.68 1.26
C ASP B 226 1.43 -5.49 0.32
N ASP B 227 1.81 -5.63 -0.95
CA ASP B 227 1.78 -4.52 -1.90
C ASP B 227 1.60 -5.05 -3.32
N LEU B 228 0.37 -5.35 -3.69
CA LEU B 228 0.03 -5.86 -5.02
C LEU B 228 0.40 -4.84 -6.09
N ALA B 229 0.11 -3.57 -5.84
CA ALA B 229 0.39 -2.53 -6.84
C ALA B 229 1.90 -2.48 -7.16
N GLN B 230 2.72 -2.60 -6.13
CA GLN B 230 4.17 -2.57 -6.36
C GLN B 230 4.61 -3.79 -7.17
N ARG B 231 3.99 -4.95 -6.94
CA ARG B 231 4.36 -6.12 -7.71
C ARG B 231 3.97 -5.96 -9.19
N ILE B 232 2.82 -5.34 -9.42
CA ILE B 232 2.37 -5.02 -10.77
C ILE B 232 3.33 -4.00 -11.42
N LEU B 233 3.69 -2.97 -10.67
CA LEU B 233 4.57 -1.93 -11.19
C LEU B 233 5.93 -2.51 -11.60
N ILE B 234 6.47 -3.38 -10.75
CA ILE B 234 7.72 -4.08 -11.03
C ILE B 234 7.60 -4.92 -12.29
N GLY B 235 6.45 -5.55 -12.46
CA GLY B 235 6.22 -6.39 -13.64
C GLY B 235 6.19 -5.59 -14.93
N LEU B 236 5.92 -4.29 -14.84
CA LEU B 236 5.87 -3.42 -16.01
C LEU B 236 7.26 -2.94 -16.46
N ALA B 237 8.29 -3.31 -15.71
CA ALA B 237 9.65 -2.91 -16.06
C ALA B 237 10.00 -3.49 -17.43
N GLN B 238 10.91 -2.84 -18.14
CA GLN B 238 11.25 -3.24 -19.50
C GLN B 238 12.72 -2.95 -19.75
N ALA B 239 13.43 -3.92 -20.32
CA ALA B 239 14.85 -3.76 -20.58
C ALA B 239 15.07 -2.57 -21.51
N GLY B 240 16.05 -1.74 -21.16
CA GLY B 240 16.37 -0.56 -21.94
C GLY B 240 15.53 0.64 -21.56
N VAL B 241 14.50 0.42 -20.75
CA VAL B 241 13.63 1.51 -20.33
C VAL B 241 13.82 1.82 -18.85
N HIS B 242 14.00 3.10 -18.54
CA HIS B 242 14.21 3.51 -17.16
C HIS B 242 13.16 4.51 -16.72
N ARG B 243 12.32 4.09 -15.77
CA ARG B 243 11.23 4.92 -15.28
C ARG B 243 11.61 5.78 -14.09
N ALA B 244 11.02 6.97 -14.02
CA ALA B 244 11.34 7.94 -12.98
C ALA B 244 10.13 8.82 -12.70
N LEU B 245 10.09 9.41 -11.52
CA LEU B 245 9.13 10.45 -11.24
C LEU B 245 9.82 11.79 -11.38
N VAL B 246 9.14 12.75 -11.98
CA VAL B 246 9.71 14.07 -12.19
C VAL B 246 8.73 15.18 -11.83
N ASP B 247 9.26 16.37 -11.51
CA ASP B 247 8.42 17.55 -11.37
C ASP B 247 8.09 18.03 -12.77
N LEU B 248 6.79 18.04 -13.08
CA LEU B 248 6.32 18.41 -14.41
C LEU B 248 6.71 19.83 -14.83
N LYS B 249 6.59 20.77 -13.89
CA LYS B 249 6.86 22.17 -14.17
C LYS B 249 8.34 22.44 -14.46
N THR B 250 9.23 21.79 -13.72
CA THR B 250 10.64 22.14 -13.75
C THR B 250 11.55 21.07 -14.36
N TRP B 251 10.98 19.89 -14.61
CA TRP B 251 11.72 18.69 -15.01
C TRP B 251 12.73 18.24 -13.93
N THR B 252 12.48 18.63 -12.69
CA THR B 252 13.31 18.18 -11.58
C THR B 252 13.12 16.67 -11.40
N LEU B 253 14.23 15.94 -11.31
CA LEU B 253 14.15 14.50 -11.11
C LEU B 253 13.87 14.18 -9.63
N LEU B 254 12.85 13.37 -9.38
CA LEU B 254 12.43 13.07 -8.00
C LEU B 254 12.84 11.69 -7.51
N LYS B 255 12.59 10.67 -8.34
CA LYS B 255 12.82 9.30 -7.91
C LYS B 255 12.98 8.35 -9.08
N TRP B 256 13.94 7.43 -8.97
CA TRP B 256 14.07 6.34 -9.94
C TRP B 256 13.19 5.18 -9.51
N LEU B 257 12.41 4.63 -10.46
CA LEU B 257 11.51 3.50 -10.18
C LEU B 257 12.16 2.20 -10.63
N ASP B 258 13.07 2.31 -11.58
CA ASP B 258 13.98 1.24 -11.95
C ASP B 258 15.37 1.71 -11.58
N GLN B 259 16.40 1.07 -12.11
CA GLN B 259 17.75 1.56 -11.87
C GLN B 259 18.00 2.82 -12.72
N PRO B 260 18.89 3.70 -12.25
CA PRO B 260 19.16 4.93 -13.03
C PRO B 260 19.67 4.63 -14.41
N CYS B 261 19.34 5.49 -15.37
CA CYS B 261 19.84 5.31 -16.72
C CYS B 261 21.14 6.05 -16.87
N SER B 262 22.06 5.46 -17.63
CA SER B 262 23.33 6.07 -17.90
C SER B 262 23.33 6.75 -19.27
N PHE B 263 22.15 6.85 -19.89
CA PHE B 263 22.04 7.48 -21.22
C PHE B 263 22.47 8.94 -21.15
N TYR B 264 22.14 9.60 -20.05
CA TYR B 264 22.46 11.02 -19.94
C TYR B 264 22.92 11.38 -18.52
N ASP B 265 23.51 12.56 -18.36
CA ASP B 265 24.10 12.94 -17.08
C ASP B 265 23.08 13.64 -16.20
N TRP B 266 22.18 12.85 -15.61
CA TRP B 266 21.16 13.38 -14.71
C TRP B 266 21.77 13.88 -13.39
N ARG B 267 22.91 13.33 -13.00
CA ARG B 267 23.53 13.72 -11.73
C ARG B 267 24.16 15.12 -11.82
N ARG B 268 24.95 15.35 -12.86
CA ARG B 268 25.60 16.66 -13.03
C ARG B 268 24.56 17.75 -13.27
N SER B 269 23.53 17.44 -14.05
CA SER B 269 22.58 18.47 -14.45
C SER B 269 21.50 18.70 -13.38
N ALA B 270 21.56 17.97 -12.27
CA ALA B 270 20.62 18.20 -11.18
C ALA B 270 20.78 19.63 -10.65
N ALA B 271 22.03 20.06 -10.50
CA ALA B 271 22.29 21.38 -9.93
C ALA B 271 22.99 22.35 -10.88
N ASP B 272 23.52 21.85 -11.99
CA ASP B 272 24.33 22.71 -12.86
C ASP B 272 23.96 22.58 -14.31
N GLY B 273 23.79 23.71 -14.96
CA GLY B 273 23.55 23.76 -16.39
C GLY B 273 22.12 23.56 -16.80
N PRO B 274 21.88 23.53 -18.11
CA PRO B 274 20.54 23.31 -18.65
C PRO B 274 20.03 21.91 -18.29
N ARG B 275 18.75 21.77 -17.95
CA ARG B 275 18.20 20.46 -17.64
C ARG B 275 17.79 19.78 -18.94
N LEU B 276 17.44 20.60 -19.91
CA LEU B 276 17.10 20.13 -21.23
C LEU B 276 17.58 21.13 -22.25
N HIS B 277 17.59 20.72 -23.51
CA HIS B 277 17.88 21.64 -24.59
C HIS B 277 16.85 22.76 -24.58
N PRO B 278 17.31 24.02 -24.65
CA PRO B 278 16.40 25.16 -24.62
C PRO B 278 15.39 25.15 -25.78
N ASP B 279 15.77 24.55 -26.90
CA ASP B 279 14.87 24.44 -28.05
C ASP B 279 13.75 23.42 -27.82
N ASP B 280 13.95 22.52 -26.86
CA ASP B 280 12.95 21.51 -26.53
C ASP B 280 12.09 21.94 -25.35
N GLN B 281 12.34 23.15 -24.85
CA GLN B 281 11.61 23.67 -23.70
C GLN B 281 10.11 23.73 -23.98
N HIS B 282 9.76 24.10 -25.21
CA HIS B 282 8.36 24.22 -25.59
C HIS B 282 7.65 22.87 -25.58
N VAL B 283 8.40 21.80 -25.84
CA VAL B 283 7.82 20.46 -25.89
C VAL B 283 7.39 20.02 -24.49
N ILE B 284 8.19 20.36 -23.49
CA ILE B 284 7.89 19.97 -22.11
C ILE B 284 6.87 20.92 -21.50
N GLY B 294 -4.07 10.24 -20.23
CA GLY B 294 -3.47 10.27 -21.55
C GLY B 294 -1.98 10.56 -21.52
N SER B 295 -1.17 9.61 -21.97
CA SER B 295 0.27 9.80 -22.01
C SER B 295 0.66 10.70 -23.18
N ALA B 296 1.86 11.26 -23.09
CA ALA B 296 2.45 12.03 -24.17
C ALA B 296 3.87 11.53 -24.42
N SER B 297 4.24 11.43 -25.70
CA SER B 297 5.56 10.92 -26.05
C SER B 297 6.30 11.86 -26.98
N HIS B 298 7.60 11.99 -26.75
CA HIS B 298 8.45 12.88 -27.56
C HIS B 298 9.93 12.56 -27.34
N VAL B 299 10.77 12.99 -28.29
CA VAL B 299 12.21 12.83 -28.13
C VAL B 299 12.82 14.14 -27.63
N LEU B 300 13.48 14.10 -26.47
CA LEU B 300 14.05 15.30 -25.90
C LEU B 300 15.58 15.21 -25.83
N ARG B 301 16.24 16.34 -26.04
CA ARG B 301 17.68 16.35 -25.90
C ARG B 301 18.02 16.69 -24.44
N LEU B 302 18.66 15.73 -23.78
CA LEU B 302 19.07 15.87 -22.37
C LEU B 302 20.59 15.99 -22.28
N PRO B 303 21.11 16.59 -21.20
CA PRO B 303 22.56 16.81 -21.06
C PRO B 303 23.38 15.52 -21.11
N GLY B 304 24.42 15.50 -21.95
CA GLY B 304 25.27 14.34 -22.06
C GLY B 304 26.45 14.26 -21.09
N HIS B 305 27.03 13.07 -21.01
CA HIS B 305 28.25 12.82 -20.25
C HIS B 305 29.50 13.36 -20.95
N ASP B 306 29.65 13.02 -22.24
CA ASP B 306 30.82 13.42 -23.01
C ASP B 306 30.51 14.51 -24.03
N VAL B 307 29.26 14.50 -24.52
CA VAL B 307 28.80 15.54 -25.42
C VAL B 307 27.79 16.43 -24.73
N ASP B 308 27.45 17.55 -25.36
CA ASP B 308 26.51 18.49 -24.76
C ASP B 308 25.11 17.90 -24.66
N TRP B 309 24.65 17.29 -25.75
CA TRP B 309 23.28 16.84 -25.81
C TRP B 309 23.15 15.39 -26.29
N VAL B 310 22.19 14.68 -25.69
CA VAL B 310 21.90 13.30 -26.03
C VAL B 310 20.40 13.14 -26.23
N PRO B 311 19.98 12.68 -27.42
CA PRO B 311 18.56 12.44 -27.67
C PRO B 311 18.03 11.26 -26.86
N VAL B 312 16.94 11.47 -26.14
CA VAL B 312 16.35 10.42 -25.31
C VAL B 312 14.86 10.37 -25.58
N HIS B 313 14.34 9.16 -25.81
CA HIS B 313 12.91 9.01 -26.04
C HIS B 313 12.18 8.98 -24.70
N VAL B 314 11.23 9.89 -24.54
CA VAL B 314 10.54 10.12 -23.28
C VAL B 314 9.05 9.87 -23.41
N THR B 315 8.49 9.07 -22.50
CA THR B 315 7.04 8.83 -22.45
C THR B 315 6.51 9.22 -21.08
N VAL B 316 5.50 10.08 -21.05
CA VAL B 316 5.11 10.77 -19.82
C VAL B 316 3.65 10.58 -19.47
N ASN B 317 3.41 10.21 -18.21
CA ASN B 317 2.06 10.13 -17.67
C ASN B 317 1.95 11.03 -16.44
N ARG B 318 0.77 11.58 -16.21
CA ARG B 318 0.56 12.38 -15.01
C ARG B 318 0.11 11.50 -13.84
N ILE B 319 0.81 11.58 -12.73
CA ILE B 319 0.45 10.86 -11.52
C ILE B 319 -0.11 11.82 -10.47
N GLU B 320 -1.26 11.50 -9.90
CA GLU B 320 -1.83 12.33 -8.85
C GLU B 320 -1.43 11.82 -7.47
N LEU B 321 -0.60 12.60 -6.79
CA LEU B 321 -0.03 12.25 -5.50
C LEU B 321 -1.00 12.60 -4.37
N GLU B 322 -1.55 13.79 -4.48
CA GLU B 322 -2.58 14.29 -3.59
C GLU B 322 -3.57 15.02 -4.48
N PRO B 323 -4.79 15.26 -3.98
CA PRO B 323 -5.76 16.04 -4.77
C PRO B 323 -5.15 17.35 -5.28
N ASP B 324 -5.25 17.56 -6.60
CA ASP B 324 -4.69 18.73 -7.27
C ASP B 324 -3.16 18.81 -7.15
N THR B 325 -2.51 17.71 -6.80
CA THR B 325 -1.05 17.67 -6.75
C THR B 325 -0.50 16.54 -7.62
N PHE B 326 0.19 16.90 -8.69
CA PHE B 326 0.59 15.93 -9.70
C PHE B 326 2.09 15.85 -9.89
N ALA B 327 2.55 14.68 -10.33
CA ALA B 327 3.94 14.49 -10.70
C ALA B 327 3.99 13.77 -12.03
N GLY B 328 5.15 13.77 -12.67
CA GLY B 328 5.28 13.08 -13.94
C GLY B 328 5.89 11.70 -13.80
N LEU B 329 5.23 10.70 -14.37
CA LEU B 329 5.85 9.40 -14.52
C LEU B 329 6.49 9.38 -15.89
N VAL B 330 7.81 9.32 -15.93
CA VAL B 330 8.52 9.37 -17.19
C VAL B 330 9.21 8.04 -17.48
N ALA B 331 9.05 7.54 -18.71
CA ALA B 331 9.77 6.35 -19.16
C ALA B 331 10.85 6.75 -20.15
N LEU B 332 12.10 6.47 -19.80
CA LEU B 332 13.23 6.90 -20.61
C LEU B 332 13.92 5.76 -21.33
N ARG B 333 14.16 5.96 -22.62
CA ARG B 333 14.93 5.00 -23.39
C ARG B 333 15.61 5.67 -24.59
N LEU B 334 16.57 4.97 -25.19
CA LEU B 334 17.19 5.45 -26.41
C LEU B 334 16.18 5.50 -27.56
N PRO B 335 16.21 6.57 -28.37
CA PRO B 335 15.30 6.64 -29.51
C PRO B 335 15.82 5.85 -30.70
N THR B 336 14.93 5.28 -31.50
CA THR B 336 15.32 4.57 -32.72
C THR B 336 15.74 5.54 -33.81
N ASP B 337 16.38 5.02 -34.86
CA ASP B 337 16.76 5.86 -35.99
C ASP B 337 15.51 6.53 -36.55
N GLU B 338 14.42 5.76 -36.62
CA GLU B 338 13.14 6.26 -37.06
C GLU B 338 12.64 7.41 -36.18
N GLU B 339 12.69 7.21 -34.86
CA GLU B 339 12.20 8.21 -33.92
C GLU B 339 12.98 9.52 -34.02
N LEU B 340 14.28 9.42 -34.28
CA LEU B 340 15.11 10.60 -34.40
C LEU B 340 14.67 11.43 -35.60
N ALA B 341 14.31 10.74 -36.68
CA ALA B 341 13.89 11.40 -37.90
C ALA B 341 12.61 12.22 -37.69
N ASP B 342 11.61 11.61 -37.06
CA ASP B 342 10.34 12.30 -36.80
C ASP B 342 10.51 13.55 -35.93
N ALA B 343 11.47 13.49 -35.00
CA ALA B 343 11.71 14.58 -34.07
C ALA B 343 12.39 15.76 -34.76
N GLY B 344 12.97 15.51 -35.92
CA GLY B 344 13.69 16.53 -36.67
C GLY B 344 15.16 16.58 -36.28
N LEU B 345 15.69 15.45 -35.83
CA LEU B 345 17.06 15.39 -35.35
C LEU B 345 17.91 14.48 -36.23
N PRO B 346 19.21 14.80 -36.35
CA PRO B 346 20.12 14.02 -37.19
C PRO B 346 20.72 12.83 -36.44
#